data_4ARO
#
_entry.id   4ARO
#
_cell.length_a   82.300
_cell.length_b   82.300
_cell.length_c   103.620
_cell.angle_alpha   90.00
_cell.angle_beta   90.00
_cell.angle_gamma   120.00
#
_symmetry.space_group_name_H-M   'P 32 2 1'
#
loop_
_entity.id
_entity.type
_entity.pdbx_description
1 polymer 'HISTIDINE ACID PHOSPHATASE'
2 non-polymer D-MYO-INOSITOL-HEXASULPHATE
3 non-polymer DI(HYDROXYETHYL)ETHER
4 non-polymer 'POTASSIUM ION'
5 water water
#
_entity_poly.entity_id   1
_entity_poly.type   'polypeptide(L)'
_entity_poly.pdbx_seq_one_letter_code
;SDTAPAGFQLEKVVILSRHGVRAPTKMTQTMRDVTPHQWPEWPVKLGYITPRGEHLISLMGGFYRERFQQQGLLPKDNCP
TPDAVYVWADVDQRTRKTGEAFLAGLAPQCDLAIHHQQNTQQADPLFHPVKAGICSMDKSQVHAAVEKQAGTPIETLNQR
YQASLALMSSVLDFPKSPYCQQHNIGKLCDFSQAMPSRLAINDDGNKVALEGAVGLASTLAEIFLLEHAQGMPKVAWGNI
HTEQQWNSLLKLHNAQFDLMSRTPYIAKHNGTPLLQTIAHALGSNITSRPLPDISPDNKILFIAGHDANIANISGMLGMT
WTLPGQPDNTPPGGALVFERWVDNAGKPYVSVNMVYQTLAQLHDQAPLTLQHPAGSVRLNIPGCSDQTPDGYCPLSTFSR
LVSHSVEPACQLP
;
_entity_poly.pdbx_strand_id   A
#
# COMPACT_ATOMS: atom_id res chain seq x y z
N ALA A 4 -21.00 0.89 12.77
CA ALA A 4 -21.75 1.93 12.00
C ALA A 4 -22.90 2.49 12.84
N PRO A 5 -23.20 3.79 12.65
CA PRO A 5 -24.29 4.37 13.39
C PRO A 5 -25.67 3.71 13.13
N ALA A 6 -26.62 4.01 13.99
CA ALA A 6 -28.06 3.53 13.94
C ALA A 6 -28.80 3.73 12.57
N GLY A 7 -29.28 2.64 11.98
CA GLY A 7 -29.91 2.65 10.58
C GLY A 7 -28.93 2.56 9.35
N PHE A 8 -27.61 2.47 9.55
CA PHE A 8 -26.74 2.50 8.42
C PHE A 8 -26.69 1.11 7.76
N GLN A 9 -26.55 1.05 6.41
CA GLN A 9 -26.56 -0.20 5.64
C GLN A 9 -25.43 -0.15 4.64
N LEU A 10 -24.61 -1.21 4.57
CA LEU A 10 -23.48 -1.24 3.70
C LEU A 10 -23.94 -1.51 2.27
N GLU A 11 -23.51 -0.72 1.30
CA GLU A 11 -23.98 -0.88 -0.08
C GLU A 11 -22.86 -1.28 -1.07
N LYS A 12 -21.67 -0.79 -0.82
CA LYS A 12 -20.57 -1.00 -1.77
C LYS A 12 -19.22 -0.92 -1.09
N VAL A 13 -18.29 -1.72 -1.59
N VAL A 13 -18.28 -1.74 -1.55
CA VAL A 13 -16.95 -1.80 -1.03
CA VAL A 13 -16.95 -1.75 -0.96
C VAL A 13 -15.94 -1.63 -2.17
C VAL A 13 -15.90 -1.70 -2.10
N VAL A 14 -14.93 -0.82 -1.93
CA VAL A 14 -13.79 -0.66 -2.87
C VAL A 14 -12.55 -0.94 -2.06
N ILE A 15 -11.81 -2.00 -2.41
CA ILE A 15 -10.61 -2.43 -1.69
C ILE A 15 -9.38 -2.13 -2.55
N LEU A 16 -8.49 -1.25 -2.10
CA LEU A 16 -7.23 -1.01 -2.76
C LEU A 16 -6.18 -1.79 -1.97
N SER A 17 -5.80 -2.95 -2.51
CA SER A 17 -4.95 -3.88 -1.79
C SER A 17 -3.54 -3.89 -2.32
N ARG A 18 -2.57 -3.94 -1.46
CA ARG A 18 -1.22 -4.33 -1.93
C ARG A 18 -1.23 -5.80 -2.27
N HIS A 19 -0.34 -6.13 -3.22
CA HIS A 19 -0.07 -7.53 -3.57
C HIS A 19 0.48 -8.26 -2.32
N GLY A 20 0.50 -9.59 -2.41
CA GLY A 20 1.03 -10.37 -1.35
C GLY A 20 2.51 -10.63 -1.31
N VAL A 21 2.90 -11.48 -0.37
CA VAL A 21 4.34 -11.68 -0.08
C VAL A 21 5.06 -12.05 -1.39
N ARG A 22 6.15 -11.34 -1.65
CA ARG A 22 6.89 -11.45 -2.91
C ARG A 22 8.40 -11.58 -2.59
N ALA A 23 9.11 -12.11 -3.58
CA ALA A 23 10.57 -12.00 -3.58
C ALA A 23 11.01 -10.54 -3.77
N PRO A 24 12.25 -10.22 -3.38
CA PRO A 24 12.85 -8.90 -3.69
C PRO A 24 12.64 -8.56 -5.15
N THR A 25 12.37 -7.26 -5.44
CA THR A 25 12.22 -6.85 -6.78
C THR A 25 13.53 -6.65 -7.53
N LYS A 26 14.61 -6.47 -6.78
CA LYS A 26 15.93 -6.31 -7.30
C LYS A 26 16.93 -6.85 -6.26
N MET A 27 18.10 -7.24 -6.73
CA MET A 27 19.22 -7.53 -5.82
C MET A 27 20.48 -7.05 -6.49
N THR A 28 20.82 -5.81 -6.18
CA THR A 28 21.85 -5.12 -6.88
C THR A 28 23.19 -5.46 -6.26
N GLN A 29 24.25 -5.04 -6.93
CA GLN A 29 25.58 -5.24 -6.42
C GLN A 29 25.74 -4.50 -5.12
N THR A 30 25.17 -3.31 -5.01
CA THR A 30 25.26 -2.57 -3.74
C THR A 30 24.57 -3.34 -2.61
N MET A 31 23.41 -3.93 -2.91
CA MET A 31 22.68 -4.68 -1.86
C MET A 31 23.47 -5.89 -1.37
N ARG A 32 24.11 -6.59 -2.30
CA ARG A 32 25.00 -7.68 -1.99
C ARG A 32 26.20 -7.17 -1.17
N ASP A 33 26.71 -5.99 -1.48
CA ASP A 33 28.02 -5.60 -0.94
C ASP A 33 27.91 -4.96 0.44
N VAL A 34 26.72 -4.60 0.89
CA VAL A 34 26.60 -3.92 2.19
C VAL A 34 26.53 -4.88 3.37
N THR A 35 26.69 -6.16 3.09
CA THR A 35 26.79 -7.17 4.15
C THR A 35 27.77 -8.27 3.74
N PRO A 36 28.54 -8.78 4.73
CA PRO A 36 29.33 -9.96 4.50
C PRO A 36 28.48 -11.24 4.44
N HIS A 37 27.24 -11.12 4.85
CA HIS A 37 26.30 -12.25 4.89
C HIS A 37 25.78 -12.53 3.46
N GLN A 38 25.27 -13.74 3.22
CA GLN A 38 24.69 -14.07 1.94
C GLN A 38 23.16 -13.96 2.02
N TRP A 39 22.59 -13.25 1.05
CA TRP A 39 21.15 -13.12 0.95
C TRP A 39 20.54 -14.48 0.61
N PRO A 40 19.46 -14.81 1.30
CA PRO A 40 18.89 -16.11 1.05
C PRO A 40 18.12 -16.20 -0.26
N GLU A 41 18.16 -17.38 -0.84
CA GLU A 41 17.51 -17.61 -2.10
C GLU A 41 15.99 -17.75 -1.95
N TRP A 42 15.24 -17.11 -2.82
CA TRP A 42 13.81 -17.20 -2.86
C TRP A 42 13.32 -18.30 -3.84
N PRO A 43 12.08 -18.82 -3.66
CA PRO A 43 11.61 -19.93 -4.49
C PRO A 43 11.04 -19.50 -5.82
N VAL A 44 10.96 -18.18 -6.07
CA VAL A 44 10.38 -17.61 -7.29
C VAL A 44 11.27 -16.48 -7.81
N LYS A 45 11.02 -16.11 -9.05
CA LYS A 45 11.75 -15.03 -9.73
C LYS A 45 11.59 -13.70 -8.95
N LEU A 46 12.55 -12.82 -9.18
CA LEU A 46 12.52 -11.49 -8.56
C LEU A 46 11.16 -10.87 -8.81
N GLY A 47 10.62 -10.27 -7.74
CA GLY A 47 9.38 -9.55 -7.85
C GLY A 47 8.12 -10.38 -7.90
N TYR A 48 8.21 -11.71 -7.97
CA TYR A 48 7.03 -12.53 -8.00
C TYR A 48 6.41 -12.80 -6.66
N ILE A 49 5.12 -12.88 -6.60
CA ILE A 49 4.47 -13.36 -5.41
C ILE A 49 4.78 -14.85 -5.28
N THR A 50 4.97 -15.31 -4.05
CA THR A 50 5.24 -16.73 -3.81
C THR A 50 3.93 -17.50 -3.65
N PRO A 51 4.00 -18.84 -3.76
CA PRO A 51 2.80 -19.63 -3.47
C PRO A 51 2.25 -19.36 -2.08
N ARG A 52 3.16 -19.23 -1.13
CA ARG A 52 2.76 -18.86 0.23
C ARG A 52 2.08 -17.50 0.26
N GLY A 53 2.61 -16.53 -0.45
CA GLY A 53 2.02 -15.17 -0.51
C GLY A 53 0.61 -15.27 -1.10
N GLU A 54 0.44 -16.10 -2.09
CA GLU A 54 -0.93 -16.32 -2.64
C GLU A 54 -1.84 -16.89 -1.58
N HIS A 55 -1.40 -17.92 -0.85
CA HIS A 55 -2.19 -18.47 0.22
C HIS A 55 -2.57 -17.39 1.27
N LEU A 56 -1.63 -16.54 1.64
CA LEU A 56 -1.88 -15.51 2.64
C LEU A 56 -2.91 -14.50 2.14
N ILE A 57 -2.89 -14.21 0.84
CA ILE A 57 -3.94 -13.34 0.24
C ILE A 57 -5.30 -14.06 0.29
N SER A 58 -5.32 -15.35 -0.03
CA SER A 58 -6.58 -16.10 0.04
C SER A 58 -7.18 -16.08 1.45
N LEU A 59 -6.35 -16.10 2.48
CA LEU A 59 -6.86 -16.05 3.82
C LEU A 59 -7.56 -14.69 4.04
N MET A 60 -6.96 -13.62 3.51
CA MET A 60 -7.64 -12.30 3.54
CA MET A 60 -7.65 -12.31 3.56
C MET A 60 -8.96 -12.35 2.77
N GLY A 61 -8.95 -12.99 1.61
CA GLY A 61 -10.21 -13.15 0.83
C GLY A 61 -11.27 -13.83 1.62
N GLY A 62 -10.90 -14.84 2.39
CA GLY A 62 -11.84 -15.57 3.25
C GLY A 62 -12.42 -14.70 4.35
N PHE A 63 -11.60 -13.82 4.90
CA PHE A 63 -12.00 -12.87 5.94
C PHE A 63 -13.01 -11.87 5.33
N TYR A 64 -12.65 -11.31 4.18
CA TYR A 64 -13.55 -10.38 3.48
C TYR A 64 -14.91 -11.03 3.23
N ARG A 65 -14.89 -12.31 2.84
CA ARG A 65 -16.15 -13.01 2.58
C ARG A 65 -16.97 -13.07 3.85
N GLU A 66 -16.36 -13.42 4.95
CA GLU A 66 -17.13 -13.57 6.20
C GLU A 66 -17.69 -12.26 6.68
N ARG A 67 -16.86 -11.22 6.57
CA ARG A 67 -17.27 -9.87 6.93
C ARG A 67 -18.41 -9.33 6.04
N PHE A 68 -18.31 -9.55 4.73
CA PHE A 68 -19.30 -8.98 3.81
C PHE A 68 -20.62 -9.78 3.86
N GLN A 69 -20.53 -11.07 4.18
CA GLN A 69 -21.73 -11.86 4.48
C GLN A 69 -22.40 -11.29 5.72
N GLN A 70 -21.61 -11.10 6.75
CA GLN A 70 -22.11 -10.62 8.01
C GLN A 70 -22.82 -9.28 7.87
N GLN A 71 -22.24 -8.39 7.07
CA GLN A 71 -22.80 -7.04 6.93
C GLN A 71 -23.90 -6.98 5.87
N GLY A 72 -24.29 -8.14 5.34
CA GLY A 72 -25.44 -8.25 4.47
C GLY A 72 -25.18 -7.92 3.03
N LEU A 73 -23.91 -7.87 2.65
CA LEU A 73 -23.57 -7.46 1.33
C LEU A 73 -23.51 -8.60 0.35
N LEU A 74 -22.95 -9.73 0.80
CA LEU A 74 -22.78 -10.96 0.02
C LEU A 74 -23.65 -12.10 0.57
N PRO A 75 -24.03 -13.07 -0.29
CA PRO A 75 -24.88 -14.21 0.04
C PRO A 75 -24.17 -15.23 0.91
N LYS A 76 -24.92 -15.92 1.76
CA LYS A 76 -24.38 -16.81 2.77
C LYS A 76 -24.70 -18.25 2.42
N CYS A 79 -21.43 -19.27 -4.58
CA CYS A 79 -20.69 -18.35 -5.41
C CYS A 79 -21.45 -17.05 -5.61
N PRO A 80 -20.78 -15.87 -5.48
CA PRO A 80 -21.48 -14.63 -5.86
C PRO A 80 -21.82 -14.61 -7.36
N THR A 81 -22.79 -13.77 -7.74
CA THR A 81 -23.08 -13.53 -9.16
C THR A 81 -21.83 -12.87 -9.80
N PRO A 82 -21.57 -13.15 -11.09
CA PRO A 82 -20.39 -12.48 -11.64
C PRO A 82 -20.44 -10.95 -11.57
N ASP A 83 -21.64 -10.37 -11.66
CA ASP A 83 -21.80 -8.91 -11.56
C ASP A 83 -21.38 -8.29 -10.20
N ALA A 84 -21.50 -9.06 -9.13
CA ALA A 84 -21.33 -8.52 -7.80
C ALA A 84 -19.88 -8.23 -7.47
N VAL A 85 -18.91 -8.94 -8.08
CA VAL A 85 -17.49 -8.79 -7.68
C VAL A 85 -16.65 -8.50 -8.91
N TYR A 86 -15.74 -7.53 -8.85
CA TYR A 86 -14.91 -7.19 -9.96
C TYR A 86 -13.50 -7.02 -9.39
N VAL A 87 -12.49 -7.50 -10.13
CA VAL A 87 -11.11 -7.35 -9.80
C VAL A 87 -10.38 -6.64 -10.94
N TRP A 88 -9.67 -5.56 -10.60
CA TRP A 88 -8.77 -4.91 -11.58
C TRP A 88 -7.35 -5.00 -10.97
N ALA A 89 -6.46 -5.75 -11.63
CA ALA A 89 -5.13 -5.89 -11.21
C ALA A 89 -4.12 -5.16 -12.12
N ASP A 90 -3.04 -4.63 -11.51
CA ASP A 90 -1.95 -4.10 -12.26
C ASP A 90 -1.31 -5.26 -13.08
N VAL A 91 -0.46 -4.93 -14.03
CA VAL A 91 -0.01 -5.89 -15.01
C VAL A 91 1.03 -6.84 -14.44
N ASP A 92 1.64 -6.53 -13.29
CA ASP A 92 2.68 -7.40 -12.74
C ASP A 92 2.16 -8.78 -12.38
N GLN A 93 3.06 -9.79 -12.44
CA GLN A 93 2.70 -11.08 -11.93
C GLN A 93 2.16 -10.98 -10.49
N ARG A 94 2.83 -10.20 -9.65
CA ARG A 94 2.50 -10.20 -8.26
C ARG A 94 1.08 -9.67 -7.97
N THR A 95 0.67 -8.67 -8.73
CA THR A 95 -0.68 -8.14 -8.62
C THR A 95 -1.75 -9.00 -9.28
N ARG A 96 -1.46 -9.52 -10.48
N ARG A 96 -1.48 -9.52 -10.46
CA ARG A 96 -2.38 -10.42 -11.14
CA ARG A 96 -2.41 -10.41 -11.10
C ARG A 96 -2.71 -11.62 -10.25
C ARG A 96 -2.72 -11.62 -10.25
N LYS A 97 -1.67 -12.26 -9.72
CA LYS A 97 -1.84 -13.42 -8.90
C LYS A 97 -2.46 -13.09 -7.55
N THR A 98 -2.26 -11.88 -7.05
CA THR A 98 -2.98 -11.43 -5.87
C THR A 98 -4.50 -11.29 -6.13
N GLY A 99 -4.87 -10.79 -7.28
CA GLY A 99 -6.28 -10.68 -7.63
C GLY A 99 -6.94 -12.06 -7.69
N GLU A 100 -6.22 -13.01 -8.31
CA GLU A 100 -6.68 -14.41 -8.39
C GLU A 100 -6.80 -15.03 -7.00
N ALA A 101 -5.79 -14.81 -6.14
CA ALA A 101 -5.78 -15.38 -4.78
C ALA A 101 -6.89 -14.81 -3.92
N PHE A 102 -7.18 -13.54 -4.13
CA PHE A 102 -8.31 -12.92 -3.45
C PHE A 102 -9.59 -13.64 -3.80
N LEU A 103 -9.84 -13.89 -5.09
CA LEU A 103 -11.06 -14.56 -5.49
C LEU A 103 -11.08 -16.00 -4.97
N ALA A 104 -9.92 -16.65 -4.93
CA ALA A 104 -9.84 -18.06 -4.43
C ALA A 104 -10.32 -18.14 -2.96
N GLY A 105 -10.09 -17.11 -2.17
CA GLY A 105 -10.59 -17.03 -0.79
C GLY A 105 -11.99 -16.51 -0.66
N LEU A 106 -12.31 -15.47 -1.41
CA LEU A 106 -13.62 -14.86 -1.34
C LEU A 106 -14.68 -15.85 -1.85
N ALA A 107 -14.37 -16.54 -2.94
CA ALA A 107 -15.35 -17.39 -3.71
C ALA A 107 -14.70 -18.66 -4.25
N PRO A 108 -14.37 -19.58 -3.37
CA PRO A 108 -13.51 -20.74 -3.74
C PRO A 108 -14.06 -21.60 -4.91
N GLN A 109 -13.21 -21.82 -5.94
CA GLN A 109 -13.47 -22.63 -7.13
C GLN A 109 -14.62 -22.12 -8.05
N CYS A 110 -15.03 -20.87 -7.80
CA CYS A 110 -16.10 -20.22 -8.60
C CYS A 110 -15.62 -19.68 -9.95
N ASP A 111 -14.31 -19.68 -10.19
CA ASP A 111 -13.80 -19.40 -11.55
C ASP A 111 -14.17 -17.91 -11.91
N LEU A 112 -14.27 -17.01 -10.89
CA LEU A 112 -14.61 -15.58 -11.14
C LEU A 112 -13.43 -14.97 -11.91
N ALA A 113 -13.73 -14.01 -12.78
CA ALA A 113 -12.75 -13.41 -13.69
C ALA A 113 -11.93 -12.36 -12.92
N ILE A 114 -10.64 -12.19 -13.22
CA ILE A 114 -9.99 -10.90 -12.92
C ILE A 114 -9.84 -10.17 -14.24
N HIS A 115 -9.65 -8.86 -14.18
CA HIS A 115 -9.35 -8.00 -15.31
C HIS A 115 -8.05 -7.27 -15.09
N HIS A 116 -7.41 -6.89 -16.17
CA HIS A 116 -6.16 -6.12 -16.14
C HIS A 116 -5.94 -5.53 -17.54
N GLN A 117 -5.07 -4.56 -17.63
CA GLN A 117 -4.80 -3.89 -18.92
C GLN A 117 -4.33 -4.97 -19.93
N GLN A 118 -4.73 -4.82 -21.19
CA GLN A 118 -4.46 -5.87 -22.18
C GLN A 118 -2.98 -5.91 -22.55
N ASN A 119 -2.31 -4.76 -22.58
CA ASN A 119 -0.85 -4.75 -22.82
C ASN A 119 -0.07 -4.81 -21.54
N THR A 120 0.39 -6.00 -21.18
CA THR A 120 1.17 -6.16 -19.98
C THR A 120 2.63 -5.74 -20.09
N GLN A 121 3.05 -5.25 -21.27
CA GLN A 121 4.40 -4.78 -21.47
C GLN A 121 4.54 -3.26 -21.37
N GLN A 122 3.48 -2.60 -20.90
CA GLN A 122 3.51 -1.16 -20.66
C GLN A 122 2.89 -0.99 -19.25
N ALA A 123 3.22 0.14 -18.64
CA ALA A 123 2.61 0.55 -17.35
C ALA A 123 1.12 0.82 -17.52
N ASP A 124 0.38 0.48 -16.46
CA ASP A 124 -1.05 0.79 -16.36
C ASP A 124 -1.12 2.18 -15.77
N PRO A 125 -1.64 3.14 -16.52
CA PRO A 125 -1.73 4.54 -16.01
C PRO A 125 -2.60 4.70 -14.79
N LEU A 126 -3.51 3.76 -14.51
CA LEU A 126 -4.26 3.79 -13.29
C LEU A 126 -3.32 3.72 -12.09
N PHE A 127 -2.27 2.87 -12.19
CA PHE A 127 -1.35 2.68 -11.11
C PHE A 127 -0.06 3.55 -11.14
N HIS A 128 0.37 3.95 -12.33
CA HIS A 128 1.63 4.65 -12.51
C HIS A 128 1.48 5.73 -13.60
N PRO A 129 0.68 6.79 -13.34
CA PRO A 129 0.40 7.74 -14.40
C PRO A 129 1.62 8.52 -14.89
N VAL A 130 2.52 8.86 -13.96
CA VAL A 130 3.74 9.64 -14.34
C VAL A 130 4.61 8.75 -15.21
N LYS A 131 4.84 7.53 -14.76
CA LYS A 131 5.60 6.58 -15.56
C LYS A 131 4.94 6.30 -16.93
N ALA A 132 3.60 6.19 -16.95
CA ALA A 132 2.88 5.98 -18.18
C ALA A 132 2.84 7.22 -19.12
N GLY A 133 3.27 8.38 -18.63
CA GLY A 133 3.25 9.59 -19.48
C GLY A 133 1.93 10.35 -19.54
N ILE A 134 1.08 10.15 -18.54
N ILE A 134 1.05 10.18 -18.55
CA ILE A 134 -0.17 10.87 -18.45
CA ILE A 134 -0.18 10.94 -18.60
C ILE A 134 0.11 12.34 -18.10
C ILE A 134 0.04 12.35 -18.03
N CYS A 135 1.02 12.50 -17.15
CA CYS A 135 1.42 13.80 -16.66
C CYS A 135 2.83 13.75 -16.15
N SER A 136 3.39 14.94 -15.87
CA SER A 136 4.75 15.10 -15.43
C SER A 136 4.85 16.01 -14.21
N MET A 137 6.00 15.90 -13.53
CA MET A 137 6.25 16.73 -12.38
C MET A 137 7.39 17.69 -12.67
N ASP A 138 7.40 18.81 -11.97
CA ASP A 138 8.40 19.86 -12.07
C ASP A 138 9.50 19.60 -11.03
N LYS A 139 10.75 19.47 -11.49
CA LYS A 139 11.91 19.16 -10.62
C LYS A 139 12.02 20.08 -9.39
N SER A 140 11.92 21.40 -9.57
CA SER A 140 12.03 22.31 -8.41
C SER A 140 10.84 22.20 -7.44
N GLN A 141 9.64 21.97 -7.97
CA GLN A 141 8.51 21.76 -7.07
C GLN A 141 8.62 20.42 -6.32
N VAL A 142 9.16 19.38 -6.96
CA VAL A 142 9.34 18.08 -6.26
C VAL A 142 10.32 18.28 -5.11
N HIS A 143 11.44 18.93 -5.41
CA HIS A 143 12.47 19.15 -4.39
C HIS A 143 11.87 19.94 -3.22
N ALA A 144 11.14 21.01 -3.53
CA ALA A 144 10.58 21.86 -2.47
C ALA A 144 9.57 21.10 -1.64
N ALA A 145 8.71 20.31 -2.32
CA ALA A 145 7.67 19.59 -1.61
C ALA A 145 8.18 18.53 -0.65
N VAL A 146 9.20 17.80 -1.08
CA VAL A 146 9.77 16.75 -0.23
C VAL A 146 10.48 17.37 1.01
N GLU A 147 11.19 18.47 0.80
CA GLU A 147 11.85 19.19 1.91
C GLU A 147 10.80 19.64 2.93
N LYS A 148 9.70 20.18 2.41
CA LYS A 148 8.60 20.61 3.28
C LYS A 148 8.03 19.43 4.03
N GLN A 149 7.86 18.30 3.34
CA GLN A 149 7.31 17.09 3.96
C GLN A 149 8.27 16.59 5.06
N ALA A 150 9.57 16.61 4.78
CA ALA A 150 10.58 16.21 5.77
C ALA A 150 10.63 17.21 6.96
N GLY A 151 10.45 18.47 6.67
CA GLY A 151 10.63 19.52 7.67
C GLY A 151 12.08 19.75 8.03
N THR A 152 13.01 19.09 7.35
CA THR A 152 14.45 19.28 7.58
C THR A 152 15.07 19.20 6.21
N PRO A 153 16.23 19.81 5.99
CA PRO A 153 16.93 19.56 4.73
C PRO A 153 17.19 18.08 4.60
N ILE A 154 17.07 17.57 3.37
CA ILE A 154 17.20 16.16 3.11
C ILE A 154 18.63 15.68 3.39
N GLU A 155 19.60 16.53 3.08
CA GLU A 155 21.00 16.20 3.31
C GLU A 155 21.29 15.74 4.74
N THR A 156 20.47 16.12 5.72
CA THR A 156 20.68 15.76 7.12
C THR A 156 19.62 14.80 7.64
N LEU A 157 18.85 14.18 6.72
CA LEU A 157 17.83 13.24 7.10
C LEU A 157 18.34 12.07 7.93
N ASN A 158 19.54 11.55 7.60
CA ASN A 158 20.12 10.46 8.38
C ASN A 158 20.18 10.76 9.87
N GLN A 159 20.40 12.02 10.25
CA GLN A 159 20.49 12.42 11.69
C GLN A 159 19.21 12.13 12.43
N ARG A 160 18.08 12.24 11.73
CA ARG A 160 16.80 11.97 12.32
C ARG A 160 16.57 10.48 12.60
N TYR A 161 17.27 9.61 11.87
CA TYR A 161 17.07 8.17 11.93
C TYR A 161 18.30 7.45 12.45
N GLN A 162 19.06 8.09 13.36
CA GLN A 162 20.34 7.54 13.81
CA GLN A 162 20.34 7.53 13.78
C GLN A 162 20.20 6.15 14.40
N ALA A 163 19.21 5.97 15.27
CA ALA A 163 19.04 4.73 16.00
C ALA A 163 18.68 3.61 15.09
N SER A 164 17.72 3.87 14.18
CA SER A 164 17.33 2.91 13.21
C SER A 164 18.47 2.49 12.24
N LEU A 165 19.23 3.44 11.79
CA LEU A 165 20.35 3.19 10.88
C LEU A 165 21.46 2.41 11.61
N ALA A 166 21.66 2.73 12.88
CA ALA A 166 22.65 1.95 13.66
C ALA A 166 22.19 0.51 13.80
N LEU A 167 20.90 0.30 14.02
CA LEU A 167 20.38 -1.07 14.11
C LEU A 167 20.52 -1.80 12.76
N MET A 168 20.19 -1.09 11.65
CA MET A 168 20.44 -1.72 10.35
C MET A 168 21.90 -2.14 10.14
N SER A 169 22.81 -1.25 10.47
CA SER A 169 24.23 -1.53 10.36
C SER A 169 24.62 -2.79 11.12
N SER A 170 24.09 -2.93 12.31
CA SER A 170 24.39 -4.07 13.14
C SER A 170 23.84 -5.35 12.53
N VAL A 171 22.59 -5.31 12.10
CA VAL A 171 21.98 -6.51 11.51
C VAL A 171 22.77 -6.98 10.26
N LEU A 172 23.17 -6.02 9.43
CA LEU A 172 23.97 -6.32 8.26
C LEU A 172 25.40 -6.70 8.57
N ASP A 173 25.90 -6.26 9.71
CA ASP A 173 27.37 -6.24 9.96
C ASP A 173 28.05 -5.43 8.83
N PHE A 174 27.48 -4.28 8.52
CA PHE A 174 27.95 -3.38 7.50
C PHE A 174 29.47 -3.04 7.60
N PRO A 175 30.01 -2.81 8.80
CA PRO A 175 31.46 -2.47 8.81
C PRO A 175 32.36 -3.57 8.25
N LYS A 176 31.93 -4.82 8.29
CA LYS A 176 32.72 -5.91 7.77
C LYS A 176 32.45 -6.21 6.28
N SER A 177 31.57 -5.43 5.66
CA SER A 177 31.08 -5.76 4.37
C SER A 177 32.10 -5.45 3.26
N PRO A 178 31.88 -6.04 2.06
CA PRO A 178 32.68 -5.67 0.90
C PRO A 178 32.57 -4.19 0.59
N TYR A 179 31.42 -3.55 0.82
CA TYR A 179 31.35 -2.12 0.60
C TYR A 179 32.43 -1.33 1.41
N CYS A 180 32.53 -1.64 2.70
CA CYS A 180 33.54 -1.04 3.57
C CYS A 180 34.97 -1.49 3.24
N GLN A 181 35.13 -2.63 2.61
CA GLN A 181 36.42 -3.13 2.14
C GLN A 181 36.91 -2.36 0.88
N GLN A 182 35.95 -1.91 0.07
CA GLN A 182 36.21 -1.24 -1.20
C GLN A 182 36.18 0.29 -1.04
N HIS A 183 35.48 0.80 -0.02
CA HIS A 183 35.55 2.23 0.37
C HIS A 183 36.17 2.42 1.77
N LEU A 188 36.80 5.67 8.46
CA LEU A 188 35.54 5.31 9.08
C LEU A 188 34.59 4.82 7.99
N CYS A 189 33.82 3.80 8.33
CA CYS A 189 32.78 3.22 7.47
C CYS A 189 31.49 3.09 8.27
N ASP A 190 30.87 4.24 8.51
CA ASP A 190 29.64 4.33 9.25
C ASP A 190 28.49 4.40 8.22
N PHE A 191 27.50 3.55 8.38
CA PHE A 191 26.39 3.41 7.40
C PHE A 191 25.79 4.78 7.08
N SER A 192 25.44 5.51 8.12
CA SER A 192 24.86 6.82 8.02
C SER A 192 25.82 7.83 7.40
N GLN A 193 27.11 7.83 7.77
CA GLN A 193 28.00 8.88 7.27
C GLN A 193 28.47 8.60 5.86
N ALA A 194 28.68 7.34 5.59
CA ALA A 194 29.07 6.87 4.28
C ALA A 194 28.05 7.15 3.21
N MET A 195 26.75 7.15 3.61
CA MET A 195 25.69 7.24 2.62
C MET A 195 24.69 8.34 2.98
N PRO A 196 25.12 9.60 2.84
CA PRO A 196 24.23 10.67 3.20
C PRO A 196 22.94 10.65 2.31
N SER A 197 21.82 11.01 2.92
CA SER A 197 20.57 11.14 2.19
C SER A 197 20.69 12.22 1.14
N ARG A 198 20.27 11.88 -0.07
CA ARG A 198 20.04 12.86 -1.10
C ARG A 198 18.87 12.54 -2.01
N LEU A 199 18.25 13.60 -2.51
CA LEU A 199 17.13 13.44 -3.40
C LEU A 199 17.62 13.38 -4.84
N ALA A 200 17.28 12.31 -5.54
CA ALA A 200 17.60 12.19 -6.95
C ALA A 200 16.32 12.47 -7.76
N ILE A 201 16.40 13.43 -8.68
CA ILE A 201 15.24 13.77 -9.48
C ILE A 201 15.61 13.76 -10.96
N GLY A 205 11.79 15.50 -14.45
CA GLY A 205 11.38 15.33 -13.06
C GLY A 205 10.31 14.25 -12.87
N ASN A 206 10.27 13.26 -13.76
CA ASN A 206 9.37 12.11 -13.67
C ASN A 206 9.96 10.89 -12.95
N LYS A 207 11.21 10.99 -12.51
CA LYS A 207 11.86 9.91 -11.72
C LYS A 207 12.38 10.56 -10.43
N VAL A 208 11.91 10.05 -9.28
CA VAL A 208 12.23 10.66 -8.00
C VAL A 208 12.65 9.54 -7.06
N ALA A 209 13.79 9.68 -6.41
CA ALA A 209 14.24 8.66 -5.47
C ALA A 209 15.01 9.27 -4.30
N LEU A 210 14.91 8.62 -3.15
CA LEU A 210 15.68 8.95 -1.99
C LEU A 210 16.90 8.03 -1.98
N GLU A 211 18.05 8.62 -2.31
N GLU A 211 18.05 8.62 -2.29
CA GLU A 211 19.32 7.89 -2.35
CA GLU A 211 19.30 7.89 -2.35
C GLU A 211 19.96 8.02 -0.99
C GLU A 211 20.01 8.07 -1.02
N GLY A 212 20.90 7.12 -0.72
CA GLY A 212 21.63 7.09 0.54
C GLY A 212 21.06 6.13 1.58
N ALA A 213 21.48 6.31 2.84
CA ALA A 213 21.26 5.27 3.85
C ALA A 213 19.80 4.99 4.13
N VAL A 214 19.01 6.05 4.25
CA VAL A 214 17.59 5.80 4.56
C VAL A 214 16.89 5.07 3.40
N GLY A 215 17.11 5.54 2.18
CA GLY A 215 16.61 4.87 0.97
C GLY A 215 16.99 3.40 0.85
N LEU A 216 18.28 3.13 1.00
CA LEU A 216 18.75 1.82 0.92
C LEU A 216 18.19 0.93 2.09
N ALA A 217 18.30 1.45 3.31
CA ALA A 217 17.80 0.70 4.46
C ALA A 217 16.30 0.41 4.37
N SER A 218 15.55 1.34 3.82
CA SER A 218 14.13 1.16 3.55
C SER A 218 13.91 -0.10 2.73
N THR A 219 14.66 -0.25 1.62
CA THR A 219 14.52 -1.43 0.81
C THR A 219 14.86 -2.69 1.58
N LEU A 220 15.99 -2.64 2.30
CA LEU A 220 16.42 -3.82 3.03
C LEU A 220 15.53 -4.25 4.17
N ALA A 221 14.97 -3.27 4.83
CA ALA A 221 14.06 -3.54 5.98
C ALA A 221 12.79 -4.25 5.48
N GLU A 222 12.32 -3.79 4.32
CA GLU A 222 11.13 -4.37 3.70
C GLU A 222 11.44 -5.82 3.27
N ILE A 223 12.64 -6.04 2.73
CA ILE A 223 13.05 -7.40 2.38
C ILE A 223 13.05 -8.29 3.63
N PHE A 224 13.62 -7.84 4.74
CA PHE A 224 13.58 -8.64 5.97
C PHE A 224 12.15 -8.98 6.38
N LEU A 225 11.22 -8.02 6.29
CA LEU A 225 9.85 -8.24 6.64
C LEU A 225 9.26 -9.31 5.70
N LEU A 226 9.57 -9.24 4.42
CA LEU A 226 9.05 -10.21 3.45
C LEU A 226 9.61 -11.59 3.77
N GLU A 227 10.89 -11.68 4.15
CA GLU A 227 11.47 -12.99 4.57
C GLU A 227 10.73 -13.60 5.72
N HIS A 228 10.37 -12.76 6.72
CA HIS A 228 9.63 -13.23 7.88
C HIS A 228 8.24 -13.66 7.49
N ALA A 229 7.59 -12.85 6.66
CA ALA A 229 6.25 -13.17 6.16
C ALA A 229 6.17 -14.43 5.33
N GLN A 230 7.31 -14.74 4.73
CA GLN A 230 7.49 -15.99 3.92
C GLN A 230 7.86 -17.26 4.77
N GLY A 231 8.05 -17.00 6.07
CA GLY A 231 8.46 -18.07 6.96
C GLY A 231 9.80 -18.66 6.60
N MET A 232 10.73 -17.82 6.17
CA MET A 232 12.06 -18.37 5.85
C MET A 232 12.76 -18.84 7.10
N PRO A 233 13.55 -19.89 6.99
CA PRO A 233 14.24 -20.42 8.16
C PRO A 233 15.22 -19.46 8.83
N LYS A 234 15.87 -18.60 8.06
CA LYS A 234 16.76 -17.59 8.64
C LYS A 234 16.42 -16.23 8.07
N VAL A 235 16.00 -15.36 8.96
CA VAL A 235 15.56 -14.04 8.56
C VAL A 235 16.60 -13.06 9.04
N ALA A 236 17.10 -12.20 8.16
CA ALA A 236 18.11 -11.20 8.53
C ALA A 236 19.22 -11.90 9.34
N TRP A 237 19.61 -13.11 8.95
CA TRP A 237 20.72 -13.79 9.55
C TRP A 237 20.56 -14.02 11.05
N GLY A 238 19.31 -14.13 11.44
CA GLY A 238 18.92 -14.31 12.81
C GLY A 238 19.09 -13.15 13.74
N ASN A 239 19.29 -11.94 13.14
CA ASN A 239 19.62 -10.76 13.94
C ASN A 239 18.48 -9.86 14.41
N ILE A 240 17.22 -10.20 14.11
CA ILE A 240 16.09 -9.43 14.55
C ILE A 240 15.34 -10.26 15.57
N HIS A 241 15.40 -9.82 16.82
CA HIS A 241 14.92 -10.64 17.98
C HIS A 241 13.58 -10.15 18.57
N THR A 242 13.24 -8.88 18.43
CA THR A 242 12.08 -8.34 19.11
C THR A 242 11.22 -7.48 18.19
N GLU A 243 9.98 -7.33 18.59
CA GLU A 243 9.05 -6.44 17.88
C GLU A 243 9.56 -5.01 17.85
N GLN A 244 10.21 -4.59 18.93
N GLN A 244 10.21 -4.59 18.91
CA GLN A 244 10.84 -3.25 18.98
CA GLN A 244 10.78 -3.22 18.95
C GLN A 244 11.79 -3.07 17.84
C GLN A 244 11.87 -3.02 17.90
N GLN A 245 12.65 -4.07 17.64
CA GLN A 245 13.63 -4.04 16.57
C GLN A 245 12.90 -4.01 15.19
N TRP A 246 11.88 -4.80 14.98
CA TRP A 246 11.15 -4.75 13.74
C TRP A 246 10.58 -3.35 13.51
N ASN A 247 10.05 -2.72 14.56
CA ASN A 247 9.48 -1.38 14.38
C ASN A 247 10.53 -0.38 14.00
N SER A 248 11.72 -0.45 14.65
CA SER A 248 12.82 0.47 14.41
C SER A 248 13.30 0.38 12.97
N LEU A 249 13.45 -0.86 12.49
CA LEU A 249 13.86 -1.05 11.09
C LEU A 249 12.78 -0.56 10.08
N LEU A 250 11.54 -0.90 10.29
CA LEU A 250 10.50 -0.53 9.30
C LEU A 250 10.23 0.99 9.34
N LYS A 251 10.61 1.64 10.44
CA LYS A 251 10.50 3.12 10.54
C LYS A 251 11.20 3.78 9.33
N LEU A 252 12.34 3.22 8.89
CA LEU A 252 13.09 3.71 7.76
C LEU A 252 12.28 3.60 6.46
N HIS A 253 11.62 2.50 6.31
CA HIS A 253 10.73 2.21 5.15
C HIS A 253 9.53 3.11 5.15
N ASN A 254 8.88 3.21 6.30
CA ASN A 254 7.74 4.13 6.37
C ASN A 254 8.16 5.57 6.09
N ALA A 255 9.36 5.96 6.53
CA ALA A 255 9.83 7.33 6.31
C ALA A 255 10.07 7.57 4.83
N GLN A 256 10.68 6.63 4.14
CA GLN A 256 10.94 6.81 2.74
C GLN A 256 9.60 6.95 1.93
N PHE A 257 8.61 6.14 2.32
CA PHE A 257 7.30 6.27 1.70
C PHE A 257 6.57 7.54 2.07
N ASP A 258 6.77 8.03 3.29
CA ASP A 258 6.18 9.35 3.58
C ASP A 258 6.73 10.41 2.64
N LEU A 259 8.03 10.44 2.44
CA LEU A 259 8.65 11.45 1.61
C LEU A 259 8.43 11.23 0.11
N MET A 260 8.50 9.99 -0.34
CA MET A 260 8.53 9.74 -1.78
C MET A 260 7.15 9.42 -2.35
N SER A 261 6.21 9.10 -1.49
CA SER A 261 4.86 8.79 -1.97
C SER A 261 3.74 9.53 -1.30
N ARG A 262 3.90 9.96 -0.04
CA ARG A 262 2.80 10.72 0.63
C ARG A 262 2.85 12.20 0.39
N THR A 263 4.04 12.79 0.24
CA THR A 263 4.18 14.17 -0.06
C THR A 263 3.12 14.66 -1.06
N PRO A 264 2.25 15.62 -0.65
CA PRO A 264 1.06 15.88 -1.47
C PRO A 264 1.33 16.16 -2.95
N TYR A 265 2.31 17.00 -3.26
CA TYR A 265 2.61 17.24 -4.69
C TYR A 265 2.82 15.95 -5.49
N ILE A 266 3.61 15.00 -4.95
CA ILE A 266 3.89 13.78 -5.66
C ILE A 266 2.67 12.86 -5.59
N ALA A 267 2.07 12.75 -4.42
CA ALA A 267 0.91 11.94 -4.21
C ALA A 267 -0.20 12.25 -5.21
N LYS A 268 -0.45 13.53 -5.42
N LYS A 268 -0.45 13.53 -5.43
CA LYS A 268 -1.53 13.93 -6.34
CA LYS A 268 -1.51 13.94 -6.35
C LYS A 268 -1.17 13.62 -7.80
C LYS A 268 -1.17 13.63 -7.80
N HIS A 269 0.10 13.73 -8.18
CA HIS A 269 0.46 13.35 -9.56
C HIS A 269 0.29 11.83 -9.78
N ASN A 270 0.67 10.99 -8.83
CA ASN A 270 0.65 9.56 -9.09
C ASN A 270 -0.65 8.89 -8.68
N GLY A 271 -1.43 9.57 -7.82
CA GLY A 271 -2.62 9.05 -7.22
C GLY A 271 -3.95 9.49 -7.82
N THR A 272 -3.90 10.50 -8.68
CA THR A 272 -5.16 11.07 -9.24
C THR A 272 -6.04 10.02 -9.90
N PRO A 273 -5.51 9.22 -10.86
CA PRO A 273 -6.42 8.23 -11.44
C PRO A 273 -7.06 7.26 -10.49
N LEU A 274 -6.32 6.76 -9.52
CA LEU A 274 -6.88 5.83 -8.53
C LEU A 274 -7.91 6.50 -7.66
N LEU A 275 -7.60 7.73 -7.26
CA LEU A 275 -8.58 8.37 -6.38
C LEU A 275 -9.88 8.64 -7.14
N GLN A 276 -9.81 9.07 -8.39
N GLN A 276 -9.77 9.09 -8.41
CA GLN A 276 -11.02 9.24 -9.17
CA GLN A 276 -10.94 9.31 -9.28
C GLN A 276 -11.76 7.93 -9.35
C GLN A 276 -11.74 7.97 -9.45
N THR A 277 -11.02 6.86 -9.64
CA THR A 277 -11.66 5.55 -9.80
C THR A 277 -12.39 5.09 -8.51
N ILE A 278 -11.74 5.26 -7.38
CA ILE A 278 -12.31 4.90 -6.08
C ILE A 278 -13.54 5.78 -5.78
N ALA A 279 -13.37 7.06 -5.97
CA ALA A 279 -14.48 7.98 -5.71
C ALA A 279 -15.65 7.67 -6.62
N HIS A 280 -15.40 7.46 -7.90
CA HIS A 280 -16.51 7.19 -8.80
C HIS A 280 -17.25 5.92 -8.34
N ALA A 281 -16.50 4.88 -7.99
CA ALA A 281 -17.10 3.62 -7.55
C ALA A 281 -17.93 3.79 -6.27
N LEU A 282 -17.58 4.74 -5.42
CA LEU A 282 -18.33 5.00 -4.20
C LEU A 282 -19.58 5.84 -4.47
N GLY A 283 -19.69 6.41 -5.67
CA GLY A 283 -20.83 7.25 -6.06
C GLY A 283 -20.57 8.73 -6.23
N SER A 284 -19.33 9.20 -6.14
CA SER A 284 -19.00 10.58 -6.51
C SER A 284 -19.28 10.87 -7.97
N ASN A 285 -19.64 12.11 -8.27
CA ASN A 285 -19.78 12.55 -9.65
C ASN A 285 -18.44 13.07 -10.13
N ILE A 286 -17.46 12.19 -10.16
CA ILE A 286 -16.11 12.46 -10.61
CA ILE A 286 -16.20 12.58 -10.74
C ILE A 286 -15.92 11.64 -11.88
N THR A 287 -15.40 12.23 -12.93
CA THR A 287 -15.10 11.46 -14.10
C THR A 287 -14.10 10.44 -13.69
N SER A 288 -14.26 9.22 -14.20
CA SER A 288 -13.19 8.25 -14.11
C SER A 288 -13.21 7.36 -15.34
N ARG A 289 -12.07 6.77 -15.65
CA ARG A 289 -12.02 5.84 -16.75
C ARG A 289 -12.80 4.58 -16.37
N PRO A 290 -13.88 4.30 -17.13
CA PRO A 290 -14.62 3.06 -16.90
C PRO A 290 -13.75 1.81 -16.95
N LEU A 291 -13.96 0.93 -15.98
CA LEU A 291 -13.37 -0.42 -16.00
C LEU A 291 -14.20 -1.34 -16.92
N PRO A 292 -13.54 -2.06 -17.84
CA PRO A 292 -14.25 -2.79 -18.90
C PRO A 292 -15.11 -3.90 -18.31
N ASP A 293 -16.37 -3.98 -18.77
CA ASP A 293 -17.34 -5.01 -18.35
C ASP A 293 -17.79 -4.89 -16.89
N ILE A 294 -17.45 -3.82 -16.16
CA ILE A 294 -17.97 -3.74 -14.82
C ILE A 294 -19.50 -3.49 -14.82
N SER A 295 -20.21 -4.06 -13.84
CA SER A 295 -21.68 -3.99 -13.80
C SER A 295 -22.12 -2.84 -12.94
N PRO A 296 -23.24 -2.15 -13.30
CA PRO A 296 -23.75 -1.19 -12.32
C PRO A 296 -24.19 -1.83 -11.03
N ASP A 297 -24.46 -3.13 -11.01
CA ASP A 297 -24.83 -3.86 -9.79
C ASP A 297 -23.59 -4.32 -8.97
N ASN A 298 -22.42 -3.86 -9.33
CA ASN A 298 -21.18 -4.26 -8.63
C ASN A 298 -21.24 -3.90 -7.14
N LYS A 299 -20.83 -4.85 -6.31
CA LYS A 299 -20.86 -4.68 -4.86
C LYS A 299 -19.49 -4.59 -4.22
N ILE A 300 -18.52 -5.30 -4.79
CA ILE A 300 -17.15 -5.34 -4.35
C ILE A 300 -16.20 -5.14 -5.52
N LEU A 301 -15.37 -4.10 -5.41
CA LEU A 301 -14.36 -3.78 -6.42
C LEU A 301 -13.02 -3.92 -5.71
N PHE A 302 -12.18 -4.84 -6.19
CA PHE A 302 -10.89 -5.13 -5.59
C PHE A 302 -9.84 -4.75 -6.59
N ILE A 303 -8.97 -3.83 -6.15
CA ILE A 303 -7.94 -3.26 -6.98
C ILE A 303 -6.60 -3.70 -6.43
N ALA A 304 -5.86 -4.50 -7.18
CA ALA A 304 -4.60 -5.08 -6.75
C ALA A 304 -3.40 -4.28 -7.23
N GLY A 305 -2.79 -3.59 -6.29
CA GLY A 305 -1.76 -2.65 -6.56
C GLY A 305 -0.56 -2.75 -5.62
N HIS A 306 0.00 -1.61 -5.27
CA HIS A 306 1.30 -1.50 -4.66
C HIS A 306 1.31 -0.66 -3.41
N ASP A 307 2.38 -0.75 -2.64
CA ASP A 307 2.44 0.07 -1.44
C ASP A 307 2.42 1.58 -1.84
N ALA A 308 3.05 1.96 -2.92
CA ALA A 308 3.08 3.38 -3.32
C ALA A 308 1.68 3.91 -3.59
N ASN A 309 0.82 3.06 -4.11
CA ASN A 309 -0.57 3.46 -4.38
C ASN A 309 -1.30 3.78 -3.11
N ILE A 310 -1.21 2.93 -2.10
CA ILE A 310 -1.83 3.19 -0.83
C ILE A 310 -1.26 4.48 -0.23
N ALA A 311 0.05 4.64 -0.26
CA ALA A 311 0.69 5.84 0.27
C ALA A 311 0.27 7.11 -0.48
N ASN A 312 0.15 7.02 -1.78
CA ASN A 312 -0.37 8.19 -2.59
C ASN A 312 -1.74 8.59 -2.13
N ILE A 313 -2.63 7.62 -2.01
CA ILE A 313 -4.01 7.90 -1.63
C ILE A 313 -4.06 8.48 -0.22
N SER A 314 -3.25 7.91 0.68
N SER A 314 -3.23 7.94 0.68
CA SER A 314 -3.06 8.43 2.05
CA SER A 314 -3.14 8.47 2.05
C SER A 314 -2.68 9.88 2.03
C SER A 314 -2.64 9.90 2.08
N GLY A 315 -1.68 10.22 1.22
CA GLY A 315 -1.21 11.62 1.11
C GLY A 315 -2.26 12.54 0.58
N MET A 316 -2.99 12.10 -0.44
CA MET A 316 -4.01 12.98 -1.05
C MET A 316 -5.11 13.30 -0.07
N LEU A 317 -5.51 12.35 0.75
CA LEU A 317 -6.61 12.50 1.67
C LEU A 317 -6.22 12.92 3.10
N GLY A 318 -4.93 13.08 3.31
CA GLY A 318 -4.38 13.46 4.62
C GLY A 318 -4.59 12.39 5.67
N MET A 319 -4.71 11.12 5.26
CA MET A 319 -4.94 10.03 6.18
C MET A 319 -3.61 9.45 6.66
N THR A 320 -3.52 9.24 7.97
CA THR A 320 -2.29 8.71 8.60
C THR A 320 -2.71 7.58 9.56
N TRP A 321 -1.76 6.66 9.80
CA TRP A 321 -2.04 5.56 10.65
C TRP A 321 -0.79 4.86 11.16
N THR A 322 -0.97 4.11 12.25
N THR A 322 -0.97 4.12 12.24
CA THR A 322 0.00 3.10 12.69
CA THR A 322 0.02 3.10 12.62
C THR A 322 -0.79 1.82 12.90
C THR A 322 -0.79 1.84 12.86
N LEU A 323 -0.22 0.68 12.48
CA LEU A 323 -0.94 -0.60 12.59
C LEU A 323 -0.46 -1.49 13.73
N PRO A 324 -1.34 -1.73 14.72
CA PRO A 324 -0.93 -2.58 15.84
C PRO A 324 -0.44 -3.95 15.37
N GLY A 325 0.76 -4.28 15.76
CA GLY A 325 1.32 -5.61 15.41
C GLY A 325 1.87 -5.75 14.02
N GLN A 326 1.95 -4.62 13.32
CA GLN A 326 2.47 -4.61 11.96
C GLN A 326 3.33 -3.39 11.74
N PRO A 327 4.68 -3.61 11.73
CA PRO A 327 5.61 -2.54 11.57
C PRO A 327 5.54 -1.79 10.25
N ASP A 328 5.11 -2.44 9.18
CA ASP A 328 5.05 -1.82 7.87
C ASP A 328 3.68 -1.15 7.76
N ASN A 329 3.65 0.16 7.49
CA ASN A 329 2.37 0.83 7.31
C ASN A 329 1.58 0.35 6.10
N THR A 330 2.29 -0.25 5.13
CA THR A 330 1.68 -0.70 3.87
C THR A 330 2.14 -2.17 3.61
N PRO A 331 1.72 -3.07 4.47
CA PRO A 331 2.29 -4.47 4.45
C PRO A 331 1.73 -5.25 3.26
N PRO A 332 2.39 -6.39 2.90
CA PRO A 332 1.82 -7.23 1.84
C PRO A 332 0.42 -7.73 2.24
N GLY A 333 -0.51 -7.56 1.30
CA GLY A 333 -1.87 -7.86 1.52
C GLY A 333 -2.65 -6.82 2.29
N GLY A 334 -2.00 -5.80 2.83
CA GLY A 334 -2.72 -4.70 3.50
C GLY A 334 -3.53 -3.93 2.49
N ALA A 335 -4.70 -3.45 2.92
CA ALA A 335 -5.61 -2.79 1.98
C ALA A 335 -6.36 -1.64 2.62
N LEU A 336 -6.45 -0.56 1.84
CA LEU A 336 -7.44 0.47 2.15
C LEU A 336 -8.77 -0.02 1.70
N VAL A 337 -9.72 -0.05 2.63
CA VAL A 337 -11.03 -0.51 2.34
C VAL A 337 -11.98 0.69 2.48
N PHE A 338 -12.51 1.13 1.35
CA PHE A 338 -13.50 2.22 1.27
C PHE A 338 -14.87 1.61 1.17
N GLU A 339 -15.83 2.11 1.92
CA GLU A 339 -17.17 1.58 1.93
C GLU A 339 -18.19 2.69 1.79
N ARG A 340 -19.17 2.50 0.93
N ARG A 340 -19.17 2.49 0.90
CA ARG A 340 -20.28 3.40 0.87
CA ARG A 340 -20.37 3.31 0.80
C ARG A 340 -21.39 2.80 1.70
C ARG A 340 -21.40 2.75 1.74
N TRP A 341 -21.83 3.57 2.71
CA TRP A 341 -22.93 3.23 3.59
C TRP A 341 -24.05 4.23 3.38
N VAL A 342 -25.29 3.84 3.54
CA VAL A 342 -26.40 4.83 3.50
C VAL A 342 -27.09 4.84 4.82
N ASP A 343 -27.56 6.01 5.25
CA ASP A 343 -28.40 6.01 6.43
C ASP A 343 -29.85 5.60 6.09
N ASN A 344 -30.71 5.61 7.10
N ASN A 344 -30.75 5.57 7.08
CA ASN A 344 -32.04 5.13 6.93
CA ASN A 344 -32.08 5.05 6.84
C ASN A 344 -32.82 5.91 5.86
C ASN A 344 -32.96 5.98 5.98
N ALA A 345 -32.47 7.18 5.69
CA ALA A 345 -33.16 8.05 4.77
C ALA A 345 -32.35 8.18 3.47
N GLY A 346 -31.49 7.22 3.24
CA GLY A 346 -30.79 7.14 1.96
C GLY A 346 -29.66 8.07 1.73
N LYS A 347 -29.22 8.79 2.76
CA LYS A 347 -28.01 9.62 2.61
C LYS A 347 -26.72 8.80 2.58
N PRO A 348 -25.82 8.97 1.58
CA PRO A 348 -24.59 8.18 1.54
C PRO A 348 -23.43 8.75 2.32
N TYR A 349 -22.65 7.83 2.89
CA TYR A 349 -21.45 8.11 3.65
C TYR A 349 -20.34 7.18 3.21
N VAL A 350 -19.12 7.63 3.44
CA VAL A 350 -17.92 6.84 3.18
C VAL A 350 -17.16 6.58 4.47
N SER A 351 -16.76 5.33 4.64
CA SER A 351 -15.81 4.98 5.68
C SER A 351 -14.56 4.40 5.06
N VAL A 352 -13.45 4.54 5.77
CA VAL A 352 -12.18 4.00 5.29
C VAL A 352 -11.49 3.28 6.43
N ASN A 353 -10.99 2.06 6.13
CA ASN A 353 -10.23 1.32 7.12
C ASN A 353 -9.00 0.77 6.46
N MET A 354 -7.94 0.59 7.23
N MET A 354 -7.89 0.70 7.20
CA MET A 354 -6.73 -0.06 6.73
CA MET A 354 -6.72 -0.08 6.79
C MET A 354 -6.71 -1.44 7.37
C MET A 354 -6.88 -1.46 7.39
N VAL A 355 -6.91 -2.49 6.54
CA VAL A 355 -7.18 -3.85 6.93
C VAL A 355 -5.96 -4.71 6.55
N TYR A 356 -5.48 -5.53 7.46
CA TYR A 356 -4.10 -6.10 7.31
C TYR A 356 -3.91 -7.29 8.19
N GLN A 357 -2.90 -8.13 7.84
CA GLN A 357 -2.43 -9.17 8.71
C GLN A 357 -1.27 -8.63 9.55
N THR A 358 -1.32 -8.93 10.82
CA THR A 358 -0.17 -8.63 11.65
C THR A 358 1.06 -9.40 11.24
N LEU A 359 2.23 -8.99 11.70
CA LEU A 359 3.46 -9.69 11.36
C LEU A 359 3.33 -11.14 11.82
N ALA A 360 2.75 -11.35 12.97
CA ALA A 360 2.55 -12.70 13.48
C ALA A 360 1.55 -13.51 12.62
N GLN A 361 0.47 -12.88 12.19
CA GLN A 361 -0.53 -13.55 11.30
C GLN A 361 0.09 -13.94 9.97
N LEU A 362 1.03 -13.12 9.47
CA LEU A 362 1.73 -13.45 8.22
C LEU A 362 2.65 -14.60 8.47
N HIS A 363 3.43 -14.55 9.56
CA HIS A 363 4.41 -15.58 9.81
C HIS A 363 3.78 -16.96 10.10
N ASP A 364 2.63 -16.95 10.77
N ASP A 364 2.64 -16.97 10.79
CA ASP A 364 1.97 -18.19 11.21
CA ASP A 364 2.03 -18.24 11.17
C ASP A 364 0.91 -18.69 10.20
C ASP A 364 0.87 -18.65 10.25
N GLN A 365 0.68 -17.92 9.15
CA GLN A 365 -0.43 -18.19 8.21
C GLN A 365 -1.78 -18.38 8.95
N ALA A 366 -2.07 -17.53 9.92
CA ALA A 366 -3.23 -17.68 10.74
C ALA A 366 -4.53 -17.61 9.94
N PRO A 367 -5.45 -18.54 10.17
CA PRO A 367 -6.77 -18.30 9.60
C PRO A 367 -7.37 -17.00 10.15
N LEU A 368 -8.15 -16.32 9.31
CA LEU A 368 -8.74 -15.06 9.63
C LEU A 368 -10.25 -15.21 9.54
N THR A 369 -10.85 -15.05 10.70
CA THR A 369 -12.29 -15.19 10.83
C THR A 369 -12.90 -14.07 11.64
N LEU A 370 -14.24 -14.05 11.72
CA LEU A 370 -14.89 -13.07 12.56
C LEU A 370 -14.39 -13.19 14.02
N GLN A 371 -14.16 -14.41 14.47
CA GLN A 371 -13.72 -14.64 15.82
C GLN A 371 -12.24 -14.24 16.03
N HIS A 372 -11.42 -14.53 15.04
CA HIS A 372 -10.00 -14.14 15.06
C HIS A 372 -9.65 -13.35 13.83
N PRO A 373 -10.02 -12.06 13.83
CA PRO A 373 -9.99 -11.26 12.59
C PRO A 373 -8.66 -10.72 12.17
N ALA A 374 -8.63 -10.33 10.90
CA ALA A 374 -7.60 -9.45 10.44
C ALA A 374 -7.51 -8.19 11.33
N GLY A 375 -6.31 -7.63 11.41
CA GLY A 375 -6.23 -6.26 11.93
C GLY A 375 -7.03 -5.26 11.10
N SER A 376 -7.54 -4.21 11.75
CA SER A 376 -8.32 -3.20 11.07
C SER A 376 -8.26 -1.90 11.83
N VAL A 377 -7.85 -0.81 11.17
CA VAL A 377 -7.79 0.52 11.79
C VAL A 377 -8.75 1.42 11.02
N ARG A 378 -9.65 2.08 11.75
CA ARG A 378 -10.58 3.07 11.20
C ARG A 378 -9.82 4.38 10.99
N LEU A 379 -9.92 4.95 9.80
CA LEU A 379 -9.14 6.12 9.45
C LEU A 379 -10.05 7.36 9.51
N ASN A 380 -9.49 8.43 10.03
CA ASN A 380 -10.05 9.77 10.01
C ASN A 380 -9.60 10.49 8.72
N ILE A 381 -10.54 11.18 8.05
CA ILE A 381 -10.18 12.02 6.90
C ILE A 381 -10.19 13.45 7.49
N PRO A 382 -9.01 14.05 7.64
CA PRO A 382 -9.05 15.32 8.44
C PRO A 382 -9.85 16.42 7.83
N GLY A 383 -9.89 16.47 6.50
CA GLY A 383 -10.61 17.57 5.88
C GLY A 383 -12.12 17.38 5.89
N CYS A 384 -12.59 16.20 6.32
CA CYS A 384 -14.01 15.90 6.29
C CYS A 384 -14.62 16.57 7.49
N SER A 385 -15.00 17.84 7.29
CA SER A 385 -15.46 18.74 8.33
CA SER A 385 -15.42 18.73 8.35
C SER A 385 -16.66 18.21 9.09
N ASP A 386 -17.57 17.54 8.38
CA ASP A 386 -18.81 16.98 8.97
C ASP A 386 -18.81 15.46 9.15
N GLN A 387 -17.64 14.89 9.36
CA GLN A 387 -17.59 13.48 9.60
C GLN A 387 -18.22 13.16 10.94
N THR A 388 -18.76 11.95 11.07
CA THR A 388 -19.21 11.48 12.40
C THR A 388 -18.01 11.14 13.31
N PRO A 389 -18.27 10.97 14.62
CA PRO A 389 -17.15 10.65 15.51
C PRO A 389 -16.51 9.31 15.22
N ASP A 390 -17.27 8.38 14.64
CA ASP A 390 -16.74 7.06 14.30
C ASP A 390 -16.22 7.02 12.84
N GLY A 391 -16.03 8.18 12.21
CA GLY A 391 -15.28 8.29 10.98
C GLY A 391 -16.06 8.10 9.70
N TYR A 392 -17.38 8.30 9.74
CA TYR A 392 -18.22 8.23 8.51
C TYR A 392 -18.32 9.59 7.87
N CYS A 393 -17.81 9.74 6.67
CA CYS A 393 -17.75 11.05 6.00
C CYS A 393 -18.86 11.14 4.97
N PRO A 394 -19.71 12.17 5.04
CA PRO A 394 -20.72 12.25 3.96
C PRO A 394 -20.14 12.17 2.58
N LEU A 395 -20.76 11.39 1.70
CA LEU A 395 -20.25 11.29 0.33
C LEU A 395 -20.12 12.68 -0.29
N SER A 396 -21.10 13.54 -0.06
CA SER A 396 -21.00 14.88 -0.65
C SER A 396 -19.70 15.60 -0.25
N THR A 397 -19.32 15.47 1.01
CA THR A 397 -18.07 16.08 1.50
C THR A 397 -16.83 15.38 0.94
N PHE A 398 -16.86 14.05 0.98
CA PHE A 398 -15.77 13.22 0.40
C PHE A 398 -15.53 13.66 -1.05
N SER A 399 -16.60 13.82 -1.81
CA SER A 399 -16.48 14.20 -3.24
C SER A 399 -15.78 15.56 -3.41
N ARG A 400 -16.10 16.54 -2.54
CA ARG A 400 -15.45 17.85 -2.57
C ARG A 400 -13.95 17.74 -2.23
N LEU A 401 -13.62 16.94 -1.23
CA LEU A 401 -12.20 16.68 -0.90
C LEU A 401 -11.44 16.09 -2.10
N VAL A 402 -12.07 15.12 -2.78
CA VAL A 402 -11.47 14.51 -3.97
C VAL A 402 -11.28 15.56 -5.04
N SER A 403 -12.29 16.39 -5.25
CA SER A 403 -12.18 17.47 -6.31
C SER A 403 -11.05 18.42 -6.00
N HIS A 404 -10.83 18.72 -4.73
CA HIS A 404 -9.75 19.63 -4.35
C HIS A 404 -8.38 19.02 -4.40
N SER A 405 -8.28 17.69 -4.31
CA SER A 405 -7.03 16.99 -4.15
CA SER A 405 -6.99 17.03 -4.15
C SER A 405 -6.43 16.52 -5.49
N VAL A 406 -7.27 16.29 -6.47
CA VAL A 406 -6.74 15.75 -7.73
C VAL A 406 -5.94 16.77 -8.49
N GLU A 407 -4.98 16.29 -9.28
CA GLU A 407 -4.27 17.10 -10.26
CA GLU A 407 -4.28 17.10 -10.28
C GLU A 407 -4.97 16.90 -11.64
N PRO A 408 -5.65 17.94 -12.16
CA PRO A 408 -6.39 17.79 -13.40
C PRO A 408 -5.54 17.28 -14.57
N ALA A 409 -4.29 17.68 -14.63
CA ALA A 409 -3.40 17.23 -15.70
C ALA A 409 -3.17 15.73 -15.67
N CYS A 410 -3.43 15.10 -14.52
CA CYS A 410 -3.20 13.67 -14.29
C CYS A 410 -4.47 12.81 -14.35
N GLN A 411 -5.63 13.40 -14.69
CA GLN A 411 -6.84 12.61 -14.87
C GLN A 411 -6.71 11.75 -16.11
N LEU A 412 -7.30 10.56 -16.09
CA LEU A 412 -7.12 9.63 -17.26
C LEU A 412 -7.93 10.12 -18.49
N PRO A 413 -7.26 10.41 -19.64
CA PRO A 413 -7.99 11.04 -20.74
C PRO A 413 -9.25 10.26 -21.09
#